data_8P1H
#
_entry.id   8P1H
#
_cell.length_a   71.628
_cell.length_b   103.118
_cell.length_c   112.804
_cell.angle_alpha   90.00
_cell.angle_beta   90.00
_cell.angle_gamma   90.00
#
_symmetry.space_group_name_H-M   'P 21 21 21'
#
loop_
_entity.id
_entity.type
_entity.pdbx_description
1 polymer 'Tyrosine 3-monooxygenase/tryptophan 5-monooxygenase activation protein zeta,Neuronal acetylcholine receptor subunit alpha-7'
2 non-polymer 1,2-ETHANEDIOL
3 non-polymer 'AZIDE ION'
4 non-polymer 'BENZOIC ACID'
5 non-polymer DI(HYDROXYETHYL)ETHER
6 water water
#
_entity_poly.entity_id   1
_entity_poly.type   'polypeptide(L)'
_entity_poly.pdbx_seq_one_letter_code
;GPHMDKNELVQKAKLAEQAERYDDMAACMKSVTEQGAELSNEERNLLSVAYKNVVGARRSAWRVVSSIEQKTEGAAAAQQ
MAREYREKIETELRDICNDVLSLLEKFLIPNASQAESKVFYLKMKGDYYRYLAEVAAGDDKKGIVDQSQQAYQEAFEISA
AAMQPTHPIRLGLALNFSVFYYEILNSPEKACSLAKTAFDEAIAELDTLSEESYKDSTLIMQLLRDNLTLWTGGGGQRRC
(SEP)LASVEMS
;
_entity_poly.pdbx_strand_id   A,B
#
loop_
_chem_comp.id
_chem_comp.type
_chem_comp.name
_chem_comp.formula
AZI non-polymer 'AZIDE ION' 'N3 -1'
BEZ non-polymer 'BENZOIC ACID' 'C7 H6 O2'
EDO non-polymer 1,2-ETHANEDIOL 'C2 H6 O2'
PEG non-polymer DI(HYDROXYETHYL)ETHER 'C4 H10 O3'
#
# COMPACT_ATOMS: atom_id res chain seq x y z
N MET A 4 -36.82 -31.21 2.22
CA MET A 4 -36.62 -29.88 1.56
C MET A 4 -35.34 -29.88 0.71
N ASP A 5 -35.43 -29.18 -0.42
CA ASP A 5 -34.54 -29.31 -1.57
C ASP A 5 -33.34 -28.37 -1.36
N LYS A 6 -32.19 -28.70 -1.95
CA LYS A 6 -30.97 -27.91 -1.84
C LYS A 6 -31.20 -26.50 -2.40
N ASN A 7 -31.81 -26.38 -3.58
CA ASN A 7 -31.97 -25.09 -4.26
C ASN A 7 -32.88 -24.15 -3.48
N GLU A 8 -33.90 -24.73 -2.85
CA GLU A 8 -34.78 -23.97 -1.97
C GLU A 8 -34.00 -23.41 -0.78
N LEU A 9 -33.21 -24.27 -0.11
CA LEU A 9 -32.41 -23.83 1.02
C LEU A 9 -31.45 -22.71 0.59
N VAL A 10 -30.83 -22.83 -0.58
CA VAL A 10 -29.92 -21.80 -1.05
C VAL A 10 -30.69 -20.51 -1.33
N GLN A 11 -31.88 -20.61 -1.99
CA GLN A 11 -32.70 -19.43 -2.24
C GLN A 11 -33.12 -18.82 -0.90
N LYS A 12 -33.50 -19.63 0.10
CA LYS A 12 -33.83 -19.14 1.45
C LYS A 12 -32.61 -18.43 2.06
N ALA A 13 -31.41 -18.97 1.87
CA ALA A 13 -30.21 -18.35 2.43
C ALA A 13 -29.96 -16.97 1.81
N LYS A 14 -30.18 -16.83 0.49
CA LYS A 14 -29.95 -15.56 -0.16
C LYS A 14 -30.97 -14.49 0.26
N LEU A 15 -32.22 -14.88 0.42
CA LEU A 15 -33.25 -14.08 1.03
C LEU A 15 -32.85 -13.61 2.42
N ALA A 16 -32.50 -14.56 3.29
CA ALA A 16 -32.01 -14.22 4.62
C ALA A 16 -30.84 -13.23 4.56
N GLU A 17 -29.94 -13.43 3.61
CA GLU A 17 -28.78 -12.56 3.48
C GLU A 17 -29.24 -11.13 3.19
N GLN A 18 -30.21 -10.99 2.28
CA GLN A 18 -30.75 -9.69 1.91
C GLN A 18 -31.42 -9.04 3.11
N ALA A 19 -32.19 -9.83 3.88
CA ALA A 19 -32.80 -9.36 5.12
C ALA A 19 -31.81 -9.10 6.26
N GLU A 20 -30.53 -9.49 6.12
CA GLU A 20 -29.51 -9.40 7.16
C GLU A 20 -29.93 -10.21 8.40
N ARG A 21 -30.56 -11.37 8.14
CA ARG A 21 -30.91 -12.34 9.17
C ARG A 21 -29.91 -13.48 9.09
N TYR A 22 -28.73 -13.27 9.68
CA TYR A 22 -27.63 -14.18 9.47
C TYR A 22 -27.85 -15.55 10.17
N ASP A 23 -28.64 -15.60 11.25
CA ASP A 23 -28.90 -16.91 11.88
C ASP A 23 -29.68 -17.81 10.91
N ASP A 24 -30.69 -17.25 10.23
CA ASP A 24 -31.47 -17.96 9.23
C ASP A 24 -30.55 -18.39 8.08
N MET A 25 -29.70 -17.47 7.64
CA MET A 25 -28.81 -17.76 6.53
C MET A 25 -27.91 -18.93 6.89
N ALA A 26 -27.33 -18.89 8.11
CA ALA A 26 -26.46 -19.95 8.56
C ALA A 26 -27.21 -21.28 8.68
N ALA A 27 -28.44 -21.27 9.23
CA ALA A 27 -29.21 -22.50 9.39
C ALA A 27 -29.42 -23.17 8.03
N CYS A 28 -29.76 -22.37 7.03
CA CYS A 28 -30.00 -22.88 5.69
C CYS A 28 -28.72 -23.47 5.10
N MET A 29 -27.58 -22.79 5.24
CA MET A 29 -26.36 -23.28 4.62
C MET A 29 -25.78 -24.46 5.40
N LYS A 30 -26.03 -24.52 6.71
CA LYS A 30 -25.67 -25.70 7.46
C LYS A 30 -26.46 -26.92 6.97
N SER A 31 -27.77 -26.74 6.73
CA SER A 31 -28.59 -27.82 6.20
C SER A 31 -28.07 -28.24 4.84
N VAL A 32 -27.71 -27.28 3.99
CA VAL A 32 -27.18 -27.66 2.68
C VAL A 32 -25.92 -28.50 2.82
N THR A 33 -25.01 -28.08 3.72
CA THR A 33 -23.76 -28.78 3.93
C THR A 33 -24.03 -30.23 4.40
N GLU A 34 -25.04 -30.38 5.25
CA GLU A 34 -25.35 -31.69 5.84
C GLU A 34 -25.95 -32.70 4.85
N GLN A 35 -26.40 -32.24 3.68
CA GLN A 35 -26.85 -33.14 2.63
C GLN A 35 -25.68 -33.88 2.00
N GLY A 36 -24.45 -33.47 2.27
CA GLY A 36 -23.30 -34.33 2.04
C GLY A 36 -22.69 -34.16 0.66
N ALA A 37 -23.25 -33.30 -0.21
CA ALA A 37 -22.61 -33.07 -1.50
C ALA A 37 -21.68 -31.84 -1.39
N GLU A 38 -20.68 -31.86 -2.28
CA GLU A 38 -19.72 -30.79 -2.42
C GLU A 38 -20.43 -29.46 -2.68
N LEU A 39 -20.03 -28.40 -1.97
CA LEU A 39 -20.68 -27.11 -2.14
C LEU A 39 -20.14 -26.44 -3.39
N SER A 40 -21.00 -25.72 -4.16
CA SER A 40 -20.51 -24.80 -5.20
C SER A 40 -19.70 -23.65 -4.58
N ASN A 41 -18.98 -22.90 -5.42
CA ASN A 41 -18.29 -21.69 -5.00
C ASN A 41 -19.27 -20.68 -4.35
N GLU A 42 -20.43 -20.48 -4.95
CA GLU A 42 -21.47 -19.64 -4.40
C GLU A 42 -21.94 -20.13 -3.03
N GLU A 43 -22.26 -21.42 -2.89
CA GLU A 43 -22.73 -21.97 -1.64
C GLU A 43 -21.66 -21.83 -0.56
N ARG A 44 -20.39 -22.10 -0.87
CA ARG A 44 -19.34 -22.02 0.16
CA ARG A 44 -19.29 -22.00 0.08
C ARG A 44 -19.21 -20.57 0.61
N ASN A 45 -19.37 -19.59 -0.31
CA ASN A 45 -19.37 -18.18 0.07
C ASN A 45 -20.55 -17.81 0.96
N LEU A 46 -21.76 -18.28 0.65
CA LEU A 46 -22.93 -18.06 1.47
C LEU A 46 -22.68 -18.64 2.87
N LEU A 47 -22.14 -19.86 2.97
CA LEU A 47 -21.85 -20.47 4.26
C LEU A 47 -20.89 -19.58 5.07
N SER A 48 -19.79 -19.22 4.42
CA SER A 48 -18.78 -18.40 5.04
C SER A 48 -19.28 -17.02 5.53
N VAL A 49 -20.03 -16.32 4.69
CA VAL A 49 -20.61 -15.02 5.04
C VAL A 49 -21.57 -15.18 6.21
N ALA A 50 -22.45 -16.19 6.14
CA ALA A 50 -23.40 -16.39 7.24
C ALA A 50 -22.66 -16.54 8.58
N TYR A 51 -21.73 -17.49 8.67
CA TYR A 51 -21.09 -17.78 9.95
C TYR A 51 -20.16 -16.65 10.38
N LYS A 52 -19.49 -15.99 9.42
CA LYS A 52 -18.71 -14.80 9.75
C LYS A 52 -19.57 -13.81 10.54
N ASN A 53 -20.81 -13.57 10.07
CA ASN A 53 -21.71 -12.64 10.76
C ASN A 53 -22.20 -13.16 12.11
N VAL A 54 -22.53 -14.44 12.20
CA VAL A 54 -23.01 -15.03 13.44
C VAL A 54 -21.92 -14.99 14.53
N VAL A 55 -20.73 -15.51 14.20
CA VAL A 55 -19.61 -15.50 15.12
C VAL A 55 -19.12 -14.08 15.38
N GLY A 56 -19.12 -13.22 14.35
CA GLY A 56 -18.66 -11.84 14.47
C GLY A 56 -19.43 -11.02 15.51
N ALA A 57 -20.74 -11.25 15.62
CA ALA A 57 -21.53 -10.53 16.59
C ALA A 57 -21.04 -10.84 18.00
N ARG A 58 -20.67 -12.10 18.26
CA ARG A 58 -20.17 -12.47 19.56
C ARG A 58 -18.73 -11.97 19.77
N ARG A 59 -17.89 -12.04 18.74
CA ARG A 59 -16.53 -11.55 18.86
C ARG A 59 -16.52 -10.08 19.29
N SER A 60 -17.30 -9.25 18.58
CA SER A 60 -17.46 -7.84 18.94
C SER A 60 -17.89 -7.67 20.39
N ALA A 61 -18.98 -8.34 20.73
CA ALA A 61 -19.54 -8.25 22.06
C ALA A 61 -18.51 -8.67 23.11
N TRP A 62 -17.84 -9.82 22.85
CA TRP A 62 -16.83 -10.36 23.74
C TRP A 62 -15.74 -9.32 24.00
N ARG A 63 -15.25 -8.60 22.97
CA ARG A 63 -14.16 -7.64 23.21
C ARG A 63 -14.63 -6.44 24.03
N VAL A 64 -15.85 -5.95 23.79
CA VAL A 64 -16.44 -4.86 24.56
C VAL A 64 -16.57 -5.25 26.04
N VAL A 65 -17.16 -6.41 26.30
CA VAL A 65 -17.47 -6.85 27.64
C VAL A 65 -16.21 -7.28 28.39
N SER A 66 -15.27 -7.93 27.69
CA SER A 66 -13.98 -8.29 28.25
C SER A 66 -13.22 -7.04 28.68
N SER A 67 -13.24 -5.99 27.87
CA SER A 67 -12.59 -4.72 28.18
C SER A 67 -13.21 -4.04 29.42
N ILE A 68 -14.53 -4.01 29.52
CA ILE A 68 -15.22 -3.52 30.70
C ILE A 68 -14.82 -4.34 31.94
N GLU A 69 -14.70 -5.66 31.81
CA GLU A 69 -14.32 -6.51 32.94
C GLU A 69 -12.95 -6.11 33.50
N GLN A 70 -11.98 -5.82 32.63
CA GLN A 70 -10.62 -5.42 33.02
C GLN A 70 -10.60 -3.99 33.57
N LYS A 71 -11.14 -3.02 32.81
CA LYS A 71 -11.25 -1.62 33.24
C LYS A 71 -12.24 -1.44 34.42
N THR A 72 -12.62 -2.51 35.15
CA THR A 72 -13.20 -2.41 36.49
C THR A 72 -12.41 -3.32 37.44
N GLU A 73 -11.21 -2.88 37.83
CA GLU A 73 -10.42 -3.53 38.87
C GLU A 73 -11.01 -3.28 40.27
N GLY A 74 -11.76 -2.18 40.43
CA GLY A 74 -12.64 -1.95 41.56
C GLY A 74 -14.12 -2.12 41.18
N ALA A 75 -14.89 -2.80 42.07
CA ALA A 75 -16.32 -3.08 42.05
C ALA A 75 -16.54 -4.60 41.87
N ALA A 76 -16.52 -5.35 42.99
CA ALA A 76 -16.75 -6.78 43.04
C ALA A 76 -18.07 -7.18 42.36
N ALA A 77 -19.14 -6.38 42.59
CA ALA A 77 -20.46 -6.63 42.02
C ALA A 77 -20.46 -6.47 40.50
N ALA A 78 -19.99 -5.28 40.05
CA ALA A 78 -19.82 -4.94 38.64
C ALA A 78 -18.93 -5.98 37.94
N GLN A 79 -17.82 -6.39 38.62
CA GLN A 79 -16.86 -7.36 38.12
C GLN A 79 -17.51 -8.70 37.82
N GLN A 80 -18.21 -9.26 38.81
CA GLN A 80 -18.87 -10.56 38.67
C GLN A 80 -19.89 -10.51 37.51
N MET A 81 -20.60 -9.38 37.37
CA MET A 81 -21.64 -9.28 36.37
C MET A 81 -21.01 -9.22 34.97
N ALA A 82 -19.99 -8.38 34.77
CA ALA A 82 -19.23 -8.34 33.52
C ALA A 82 -18.63 -9.72 33.21
N ARG A 83 -18.02 -10.35 34.22
CA ARG A 83 -17.40 -11.66 34.07
C ARG A 83 -18.44 -12.68 33.63
N GLU A 84 -19.56 -12.78 34.33
CA GLU A 84 -20.58 -13.78 33.96
C GLU A 84 -21.18 -13.51 32.58
N TYR A 85 -21.25 -12.24 32.15
CA TYR A 85 -21.77 -11.90 30.83
C TYR A 85 -20.74 -12.24 29.77
N ARG A 86 -19.47 -11.94 30.03
CA ARG A 86 -18.39 -12.38 29.15
C ARG A 86 -18.49 -13.89 28.93
N GLU A 87 -18.64 -14.65 30.01
CA GLU A 87 -18.71 -16.10 29.97
C GLU A 87 -19.92 -16.56 29.16
N LYS A 88 -21.07 -15.87 29.26
CA LYS A 88 -22.25 -16.25 28.51
C LYS A 88 -21.96 -16.05 27.02
N ILE A 89 -21.32 -14.93 26.65
CA ILE A 89 -21.04 -14.63 25.27
C ILE A 89 -20.02 -15.65 24.74
N GLU A 90 -19.01 -15.96 25.56
CA GLU A 90 -18.00 -16.95 25.22
C GLU A 90 -18.63 -18.28 24.92
N THR A 91 -19.57 -18.74 25.75
CA THR A 91 -20.24 -20.02 25.49
C THR A 91 -20.92 -20.03 24.13
N GLU A 92 -21.63 -18.97 23.76
CA GLU A 92 -22.23 -18.84 22.43
C GLU A 92 -21.17 -18.90 21.33
N LEU A 93 -20.09 -18.15 21.52
CA LEU A 93 -18.98 -18.09 20.59
C LEU A 93 -18.40 -19.49 20.37
N ARG A 94 -18.13 -20.21 21.47
CA ARG A 94 -17.58 -21.55 21.36
C ARG A 94 -18.55 -22.49 20.65
N ASP A 95 -19.83 -22.42 20.99
CA ASP A 95 -20.80 -23.29 20.33
C ASP A 95 -20.85 -23.03 18.82
N ILE A 96 -20.77 -21.76 18.40
CA ILE A 96 -20.79 -21.45 16.96
C ILE A 96 -19.52 -21.99 16.30
N CYS A 97 -18.36 -21.73 16.89
CA CYS A 97 -17.12 -22.29 16.37
C CYS A 97 -17.18 -23.81 16.28
N ASN A 98 -17.69 -24.46 17.32
CA ASN A 98 -17.77 -25.93 17.29
C ASN A 98 -18.70 -26.42 16.18
N ASP A 99 -19.77 -25.70 15.90
CA ASP A 99 -20.70 -26.06 14.84
C ASP A 99 -19.96 -26.00 13.51
N VAL A 100 -19.25 -24.88 13.23
CA VAL A 100 -18.51 -24.72 11.97
C VAL A 100 -17.40 -25.74 11.83
N LEU A 101 -16.62 -25.90 12.91
CA LEU A 101 -15.51 -26.85 12.87
C LEU A 101 -16.00 -28.28 12.64
N SER A 102 -17.18 -28.61 13.13
CA SER A 102 -17.72 -29.95 12.91
C SER A 102 -18.15 -30.14 11.46
N LEU A 103 -18.80 -29.11 10.85
CA LEU A 103 -19.15 -29.19 9.45
C LEU A 103 -17.89 -29.32 8.58
N LEU A 104 -16.85 -28.57 8.95
CA LEU A 104 -15.59 -28.64 8.21
C LEU A 104 -14.97 -30.04 8.29
N GLU A 105 -14.97 -30.63 9.48
CA GLU A 105 -14.33 -31.92 9.70
C GLU A 105 -15.16 -33.03 9.05
N LYS A 106 -16.48 -32.99 9.15
CA LYS A 106 -17.32 -34.12 8.74
C LYS A 106 -17.66 -34.07 7.25
N PHE A 107 -17.84 -32.89 6.64
CA PHE A 107 -18.34 -32.79 5.27
C PHE A 107 -17.36 -32.02 4.38
N LEU A 108 -16.95 -30.79 4.76
CA LEU A 108 -16.34 -29.88 3.79
C LEU A 108 -14.91 -30.28 3.46
N ILE A 109 -14.04 -30.49 4.45
CA ILE A 109 -12.65 -30.83 4.15
C ILE A 109 -12.56 -32.18 3.46
N PRO A 110 -13.19 -33.27 3.96
CA PRO A 110 -13.08 -34.56 3.30
C PRO A 110 -13.60 -34.59 1.86
N ASN A 111 -14.66 -33.84 1.53
CA ASN A 111 -15.27 -33.87 0.21
C ASN A 111 -14.61 -32.93 -0.80
N ALA A 112 -13.69 -32.05 -0.37
CA ALA A 112 -13.15 -31.03 -1.25
C ALA A 112 -12.27 -31.66 -2.30
N SER A 113 -12.69 -31.53 -3.58
CA SER A 113 -12.08 -32.28 -4.68
C SER A 113 -11.08 -31.41 -5.45
N GLN A 114 -10.92 -30.14 -5.10
CA GLN A 114 -9.97 -29.25 -5.77
C GLN A 114 -9.10 -28.57 -4.70
N ALA A 115 -7.87 -28.23 -5.05
CA ALA A 115 -6.95 -27.56 -4.13
C ALA A 115 -7.55 -26.25 -3.65
N GLU A 116 -8.21 -25.52 -4.56
CA GLU A 116 -8.84 -24.25 -4.22
C GLU A 116 -9.79 -24.40 -3.04
N SER A 117 -10.68 -25.39 -3.11
CA SER A 117 -11.67 -25.58 -2.07
C SER A 117 -11.02 -26.20 -0.82
N LYS A 118 -10.00 -27.05 -0.97
CA LYS A 118 -9.32 -27.61 0.20
C LYS A 118 -8.62 -26.50 0.99
N VAL A 119 -7.97 -25.59 0.28
CA VAL A 119 -7.33 -24.46 0.93
C VAL A 119 -8.35 -23.57 1.63
N PHE A 120 -9.49 -23.33 0.96
CA PHE A 120 -10.54 -22.48 1.51
C PHE A 120 -10.99 -23.04 2.86
N TYR A 121 -11.30 -24.34 2.90
CA TYR A 121 -11.83 -24.93 4.11
C TYR A 121 -10.77 -25.07 5.19
N LEU A 122 -9.52 -25.39 4.82
CA LEU A 122 -8.47 -25.50 5.83
C LEU A 122 -8.19 -24.14 6.42
N LYS A 123 -8.21 -23.10 5.58
CA LYS A 123 -8.16 -21.73 6.08
C LYS A 123 -9.28 -21.48 7.08
N MET A 124 -10.49 -21.83 6.68
CA MET A 124 -11.65 -21.61 7.54
C MET A 124 -11.53 -22.36 8.88
N LYS A 125 -10.93 -23.54 8.86
CA LYS A 125 -10.67 -24.28 10.10
C LYS A 125 -9.65 -23.52 10.94
N GLY A 126 -8.58 -23.02 10.29
CA GLY A 126 -7.64 -22.13 10.91
C GLY A 126 -8.33 -20.93 11.58
N ASP A 127 -9.28 -20.31 10.87
CA ASP A 127 -9.97 -19.13 11.35
C ASP A 127 -10.78 -19.45 12.60
N TYR A 128 -11.55 -20.57 12.57
CA TYR A 128 -12.48 -20.81 13.64
C TYR A 128 -11.75 -21.33 14.88
N TYR A 129 -10.66 -22.09 14.71
CA TYR A 129 -9.80 -22.35 15.87
C TYR A 129 -9.12 -21.08 16.38
N ARG A 130 -8.75 -20.16 15.47
CA ARG A 130 -8.22 -18.86 15.90
C ARG A 130 -9.23 -18.10 16.76
N TYR A 131 -10.51 -18.11 16.39
CA TYR A 131 -11.51 -17.42 17.20
C TYR A 131 -11.71 -18.10 18.57
N LEU A 132 -11.68 -19.44 18.64
CA LEU A 132 -11.60 -20.11 19.93
C LEU A 132 -10.34 -19.70 20.71
N ALA A 133 -9.22 -19.53 20.01
CA ALA A 133 -7.98 -19.13 20.67
C ALA A 133 -8.08 -17.72 21.23
N GLU A 134 -8.86 -16.83 20.60
CA GLU A 134 -8.99 -15.47 21.10
C GLU A 134 -9.61 -15.44 22.48
N VAL A 135 -10.43 -16.45 22.84
CA VAL A 135 -11.08 -16.47 24.11
C VAL A 135 -10.59 -17.61 25.01
N ALA A 136 -9.64 -18.46 24.57
CA ALA A 136 -9.23 -19.60 25.37
C ALA A 136 -8.32 -19.10 26.50
N ALA A 137 -8.59 -19.56 27.72
CA ALA A 137 -7.71 -19.36 28.87
C ALA A 137 -7.22 -20.72 29.35
N GLY A 138 -6.04 -20.70 29.98
CA GLY A 138 -5.49 -21.88 30.65
C GLY A 138 -5.06 -23.00 29.70
N ASP A 139 -5.52 -24.20 30.02
CA ASP A 139 -4.79 -25.42 29.69
C ASP A 139 -5.14 -25.89 28.30
N ASP A 140 -6.40 -25.72 27.90
CA ASP A 140 -6.84 -26.02 26.55
C ASP A 140 -6.28 -25.03 25.52
N LYS A 141 -5.76 -23.85 25.91
CA LYS A 141 -5.41 -22.83 24.93
C LYS A 141 -4.32 -23.33 23.96
N LYS A 142 -3.24 -23.88 24.52
CA LYS A 142 -2.12 -24.34 23.70
C LYS A 142 -2.58 -25.35 22.64
N GLY A 143 -3.46 -26.31 23.01
CA GLY A 143 -4.08 -27.24 22.05
C GLY A 143 -4.89 -26.55 20.94
N ILE A 144 -5.72 -25.56 21.33
CA ILE A 144 -6.52 -24.78 20.39
C ILE A 144 -5.59 -24.03 19.43
N VAL A 145 -4.54 -23.39 19.95
CA VAL A 145 -3.63 -22.60 19.14
C VAL A 145 -2.93 -23.50 18.11
N ASP A 146 -2.51 -24.67 18.55
CA ASP A 146 -1.82 -25.62 17.69
C ASP A 146 -2.78 -26.12 16.59
N GLN A 147 -4.08 -26.35 16.87
CA GLN A 147 -5.02 -26.75 15.83
C GLN A 147 -5.18 -25.67 14.76
N SER A 148 -5.33 -24.41 15.18
CA SER A 148 -5.35 -23.30 14.25
C SER A 148 -4.12 -23.35 13.34
N GLN A 149 -2.94 -23.44 13.94
CA GLN A 149 -1.70 -23.34 13.21
C GLN A 149 -1.54 -24.50 12.22
N GLN A 150 -1.89 -25.73 12.62
CA GLN A 150 -1.78 -26.87 11.72
C GLN A 150 -2.72 -26.74 10.53
N ALA A 151 -3.92 -26.24 10.75
CA ALA A 151 -4.87 -25.99 9.67
C ALA A 151 -4.34 -24.97 8.67
N TYR A 152 -3.90 -23.82 9.20
CA TYR A 152 -3.34 -22.79 8.34
C TYR A 152 -2.12 -23.33 7.58
N GLN A 153 -1.30 -24.14 8.27
CA GLN A 153 -0.03 -24.56 7.69
C GLN A 153 -0.30 -25.51 6.52
N GLU A 154 -1.25 -26.43 6.71
CA GLU A 154 -1.58 -27.35 5.64
C GLU A 154 -2.17 -26.60 4.44
N ALA A 155 -3.10 -25.67 4.70
CA ALA A 155 -3.58 -24.74 3.69
C ALA A 155 -2.43 -24.05 2.93
N PHE A 156 -1.45 -23.56 3.67
CA PHE A 156 -0.34 -22.79 3.13
C PHE A 156 0.43 -23.65 2.14
N GLU A 157 0.66 -24.92 2.52
CA GLU A 157 1.48 -25.83 1.70
C GLU A 157 0.74 -26.24 0.42
N ILE A 158 -0.54 -26.58 0.53
CA ILE A 158 -1.34 -26.92 -0.64
C ILE A 158 -1.43 -25.73 -1.59
N SER A 159 -1.70 -24.56 -1.02
CA SER A 159 -1.78 -23.30 -1.77
C SER A 159 -0.48 -23.00 -2.51
N ALA A 160 0.66 -23.11 -1.83
CA ALA A 160 1.96 -22.81 -2.43
C ALA A 160 2.28 -23.76 -3.60
N ALA A 161 1.84 -25.01 -3.52
CA ALA A 161 1.99 -25.99 -4.59
C ALA A 161 0.98 -25.80 -5.72
N ALA A 162 -0.28 -25.41 -5.46
CA ALA A 162 -1.32 -25.56 -6.48
C ALA A 162 -1.79 -24.22 -7.04
N MET A 163 -1.55 -23.09 -6.37
CA MET A 163 -2.21 -21.84 -6.72
C MET A 163 -1.18 -20.77 -7.06
N GLN A 164 -1.52 -19.87 -7.97
CA GLN A 164 -0.67 -18.75 -8.33
C GLN A 164 -0.61 -17.76 -7.15
N PRO A 165 0.48 -16.98 -6.98
CA PRO A 165 0.55 -16.07 -5.83
C PRO A 165 -0.51 -14.97 -5.82
N THR A 166 -1.11 -14.65 -6.99
CA THR A 166 -2.16 -13.66 -7.07
C THR A 166 -3.54 -14.24 -6.83
N HIS A 167 -3.67 -15.58 -6.68
CA HIS A 167 -4.96 -16.17 -6.40
C HIS A 167 -5.53 -15.58 -5.13
N PRO A 168 -6.78 -15.06 -5.12
CA PRO A 168 -7.31 -14.44 -3.91
C PRO A 168 -7.38 -15.33 -2.66
N ILE A 169 -7.60 -16.61 -2.85
CA ILE A 169 -7.61 -17.53 -1.74
C ILE A 169 -6.21 -17.69 -1.15
N ARG A 170 -5.17 -17.77 -1.96
CA ARG A 170 -3.81 -17.80 -1.46
C ARG A 170 -3.48 -16.50 -0.70
N LEU A 171 -3.92 -15.36 -1.24
CA LEU A 171 -3.63 -14.08 -0.62
C LEU A 171 -4.39 -13.97 0.69
N GLY A 172 -5.67 -14.34 0.69
CA GLY A 172 -6.51 -14.27 1.88
C GLY A 172 -6.02 -15.22 2.99
N LEU A 173 -5.51 -16.38 2.61
CA LEU A 173 -4.84 -17.24 3.59
C LEU A 173 -3.61 -16.57 4.22
N ALA A 174 -2.76 -15.99 3.39
CA ALA A 174 -1.61 -15.26 3.92
C ALA A 174 -2.05 -14.15 4.85
N LEU A 175 -3.09 -13.41 4.52
CA LEU A 175 -3.57 -12.36 5.39
C LEU A 175 -3.93 -12.91 6.78
N ASN A 176 -4.78 -13.95 6.80
CA ASN A 176 -5.27 -14.47 8.08
C ASN A 176 -4.19 -15.22 8.86
N PHE A 177 -3.35 -15.99 8.20
CA PHE A 177 -2.25 -16.68 8.87
C PHE A 177 -1.27 -15.66 9.48
N SER A 178 -1.01 -14.53 8.78
CA SER A 178 -0.17 -13.48 9.36
C SER A 178 -0.82 -12.87 10.61
N VAL A 179 -2.12 -12.63 10.55
CA VAL A 179 -2.83 -12.18 11.74
C VAL A 179 -2.69 -13.19 12.87
N PHE A 180 -2.82 -14.49 12.57
CA PHE A 180 -2.65 -15.52 13.59
C PHE A 180 -1.27 -15.39 14.28
N TYR A 181 -0.20 -15.30 13.48
CA TYR A 181 1.13 -15.10 14.03
C TYR A 181 1.21 -13.86 14.91
N TYR A 182 0.64 -12.73 14.44
CA TYR A 182 0.74 -11.46 15.14
C TYR A 182 0.04 -11.54 16.48
N GLU A 183 -1.20 -12.01 16.49
CA GLU A 183 -2.12 -11.79 17.59
C GLU A 183 -2.20 -13.05 18.44
N ILE A 184 -2.05 -14.24 17.85
CA ILE A 184 -2.20 -15.43 18.67
C ILE A 184 -0.83 -15.86 19.16
N LEU A 185 0.17 -15.96 18.30
CA LEU A 185 1.50 -16.39 18.74
C LEU A 185 2.37 -15.20 19.17
N ASN A 186 1.85 -13.96 19.16
CA ASN A 186 2.58 -12.77 19.58
C ASN A 186 3.92 -12.71 18.89
N SER A 187 3.93 -12.96 17.57
CA SER A 187 5.13 -13.11 16.78
C SER A 187 5.08 -12.09 15.64
N PRO A 188 5.21 -10.77 15.94
CA PRO A 188 5.07 -9.72 14.90
C PRO A 188 6.07 -9.86 13.75
N GLU A 189 7.27 -10.41 14.01
CA GLU A 189 8.28 -10.52 12.98
C GLU A 189 7.90 -11.57 11.94
N LYS A 190 7.45 -12.73 12.42
CA LYS A 190 7.00 -13.76 11.52
C LYS A 190 5.73 -13.28 10.77
N ALA A 191 4.83 -12.57 11.44
CA ALA A 191 3.59 -12.11 10.83
C ALA A 191 3.91 -11.16 9.67
N CYS A 192 4.88 -10.26 9.91
CA CYS A 192 5.32 -9.31 8.87
C CYS A 192 5.98 -10.03 7.71
N SER A 193 6.83 -11.01 7.99
CA SER A 193 7.52 -11.76 6.94
C SER A 193 6.49 -12.49 6.06
N LEU A 194 5.49 -13.16 6.68
CA LEU A 194 4.51 -13.88 5.90
C LEU A 194 3.71 -12.91 5.00
N ALA A 195 3.27 -11.79 5.54
CA ALA A 195 2.48 -10.83 4.78
C ALA A 195 3.31 -10.18 3.65
N LYS A 196 4.56 -9.76 3.97
CA LYS A 196 5.44 -9.17 2.96
C LYS A 196 5.77 -10.15 1.84
N THR A 197 6.12 -11.40 2.17
CA THR A 197 6.38 -12.39 1.17
C THR A 197 5.18 -12.59 0.25
N ALA A 198 3.97 -12.74 0.81
CA ALA A 198 2.81 -12.95 -0.03
C ALA A 198 2.57 -11.73 -0.94
N PHE A 199 2.73 -10.51 -0.40
CA PHE A 199 2.60 -9.30 -1.22
C PHE A 199 3.60 -9.30 -2.39
N ASP A 200 4.89 -9.48 -2.06
CA ASP A 200 5.96 -9.42 -3.05
C ASP A 200 5.85 -10.54 -4.07
N GLU A 201 5.45 -11.76 -3.67
CA GLU A 201 5.29 -12.80 -4.66
C GLU A 201 4.17 -12.49 -5.63
N ALA A 202 3.11 -11.83 -5.18
CA ALA A 202 2.02 -11.47 -6.08
C ALA A 202 2.48 -10.38 -7.05
N ILE A 203 3.20 -9.36 -6.54
CA ILE A 203 3.74 -8.28 -7.36
C ILE A 203 4.60 -8.86 -8.48
N ALA A 204 5.43 -9.86 -8.18
CA ALA A 204 6.34 -10.44 -9.16
C ALA A 204 5.64 -11.29 -10.23
N GLU A 205 4.34 -11.61 -10.09
CA GLU A 205 3.66 -12.40 -11.13
C GLU A 205 2.29 -11.85 -11.40
N LEU A 206 2.24 -10.55 -11.74
CA LEU A 206 0.96 -9.90 -12.03
C LEU A 206 0.30 -10.38 -13.34
N ASP A 207 1.07 -10.98 -14.28
CA ASP A 207 0.49 -11.69 -15.44
C ASP A 207 -0.45 -12.83 -15.03
N THR A 208 -0.20 -13.52 -13.88
CA THR A 208 -1.08 -14.56 -13.34
C THR A 208 -2.45 -14.03 -12.85
N LEU A 209 -2.69 -12.69 -12.78
CA LEU A 209 -4.05 -12.16 -12.61
C LEU A 209 -4.96 -12.62 -13.76
N SER A 210 -6.22 -12.98 -13.44
CA SER A 210 -7.27 -13.14 -14.43
C SER A 210 -8.27 -12.01 -14.28
N GLU A 211 -9.01 -11.75 -15.38
CA GLU A 211 -10.08 -10.76 -15.43
C GLU A 211 -11.15 -11.06 -14.38
N GLU A 212 -11.39 -12.36 -14.10
CA GLU A 212 -12.37 -12.85 -13.15
C GLU A 212 -12.17 -12.25 -11.75
N SER A 213 -10.95 -12.27 -11.21
CA SER A 213 -10.78 -11.95 -9.78
C SER A 213 -9.58 -11.04 -9.48
N TYR A 214 -9.10 -10.25 -10.45
CA TYR A 214 -8.03 -9.26 -10.23
C TYR A 214 -8.42 -8.21 -9.18
N LYS A 215 -9.72 -7.86 -9.10
CA LYS A 215 -10.19 -6.86 -8.15
C LYS A 215 -10.08 -7.43 -6.75
N ASP A 216 -10.46 -8.71 -6.57
CA ASP A 216 -10.25 -9.35 -5.29
C ASP A 216 -8.76 -9.37 -4.93
N SER A 217 -7.91 -9.78 -5.87
CA SER A 217 -6.49 -9.97 -5.62
C SER A 217 -5.85 -8.65 -5.15
N THR A 218 -6.09 -7.57 -5.90
CA THR A 218 -5.42 -6.31 -5.60
C THR A 218 -5.96 -5.73 -4.30
N LEU A 219 -7.23 -6.01 -3.95
CA LEU A 219 -7.74 -5.49 -2.69
C LEU A 219 -7.05 -6.22 -1.54
N ILE A 220 -6.85 -7.53 -1.67
CA ILE A 220 -6.24 -8.29 -0.59
C ILE A 220 -4.75 -7.89 -0.44
N MET A 221 -4.07 -7.68 -1.55
CA MET A 221 -2.70 -7.14 -1.56
C MET A 221 -2.65 -5.84 -0.76
N GLN A 222 -3.62 -4.94 -0.98
CA GLN A 222 -3.64 -3.67 -0.24
C GLN A 222 -3.77 -3.95 1.25
N LEU A 223 -4.64 -4.92 1.61
CA LEU A 223 -4.85 -5.24 3.01
C LEU A 223 -3.58 -5.83 3.63
N LEU A 224 -2.88 -6.70 2.91
CA LEU A 224 -1.63 -7.25 3.42
C LEU A 224 -0.64 -6.12 3.75
N ARG A 225 -0.48 -5.16 2.82
CA ARG A 225 0.42 -4.06 3.03
C ARG A 225 -0.08 -3.10 4.13
N ASP A 226 -1.38 -2.89 4.25
CA ASP A 226 -1.89 -2.14 5.38
C ASP A 226 -1.51 -2.76 6.72
N ASN A 227 -1.66 -4.09 6.85
CA ASN A 227 -1.24 -4.76 8.09
C ASN A 227 0.23 -4.53 8.35
N LEU A 228 1.02 -4.70 7.28
CA LEU A 228 2.48 -4.57 7.35
C LEU A 228 2.86 -3.18 7.84
N THR A 229 2.20 -2.14 7.31
CA THR A 229 2.44 -0.76 7.71
C THR A 229 2.08 -0.58 9.20
N LEU A 230 0.89 -1.06 9.58
CA LEU A 230 0.43 -0.97 10.98
C LEU A 230 1.45 -1.61 11.91
N TRP A 231 1.91 -2.82 11.57
CA TRP A 231 2.78 -3.61 12.43
C TRP A 231 4.22 -3.12 12.46
N THR A 232 4.68 -2.43 11.42
CA THR A 232 6.05 -1.94 11.39
C THR A 232 6.08 -0.45 11.74
N GLY A 233 5.04 0.04 12.42
CA GLY A 233 5.09 1.33 13.09
C GLY A 233 4.65 2.47 12.17
N GLY A 234 3.51 2.26 11.49
CA GLY A 234 2.70 3.33 10.92
C GLY A 234 3.33 3.94 9.67
N GLY A 235 2.58 4.83 9.03
CA GLY A 235 3.08 5.56 7.88
C GLY A 235 4.13 6.56 8.33
N GLY A 236 5.06 6.92 7.40
CA GLY A 236 5.99 8.00 7.66
C GLY A 236 5.23 9.31 7.85
N GLN A 237 5.87 10.22 8.58
N GLN A 237 5.91 10.39 8.26
CA GLN A 237 5.84 11.61 8.19
CA GLN A 237 5.31 11.72 8.33
C GLN A 237 6.44 11.67 6.78
C GLN A 237 5.53 12.51 7.02
N ARG A 238 6.41 12.85 6.19
N ARG A 238 6.55 12.11 6.21
CA ARG A 238 7.13 13.13 4.97
CA ARG A 238 7.09 12.89 5.09
C ARG A 238 6.53 12.37 3.79
C ARG A 238 6.52 12.32 3.78
N ARG A 239 5.70 13.08 3.04
CA ARG A 239 5.18 12.64 1.74
C ARG A 239 6.34 12.27 0.81
N CYS A 240 6.06 11.30 -0.05
CA CYS A 240 7.02 10.84 -1.04
C CYS A 240 6.77 11.57 -2.38
N SEP A 241 7.82 12.11 -2.97
CA SEP A 241 7.85 12.42 -4.39
CB SEP A 241 8.43 13.77 -4.62
OG SEP A 241 9.79 13.82 -4.18
C SEP A 241 8.66 11.28 -5.03
O SEP A 241 9.13 10.40 -4.30
P SEP A 241 10.51 15.15 -4.36
O1P SEP A 241 10.61 15.54 -5.87
O2P SEP A 241 11.87 15.05 -3.75
O3P SEP A 241 9.70 16.27 -3.65
N LEU A 242 8.78 11.29 -6.36
CA LEU A 242 9.41 10.18 -7.07
C LEU A 242 10.87 10.11 -6.63
N ALA A 243 11.36 8.89 -6.34
CA ALA A 243 12.72 8.69 -5.84
C ALA A 243 13.00 9.43 -4.52
N SER A 244 12.07 9.32 -3.57
CA SER A 244 12.29 9.38 -2.14
C SER A 244 13.17 8.21 -1.67
N MET B 4 35.46 13.93 -23.64
CA MET B 4 35.37 14.74 -24.90
C MET B 4 34.33 14.15 -25.85
N ASP B 5 34.36 12.82 -26.02
CA ASP B 5 33.43 12.06 -26.85
C ASP B 5 32.20 11.73 -26.00
N LYS B 6 31.03 11.55 -26.64
CA LYS B 6 29.78 11.35 -25.91
C LYS B 6 29.87 10.07 -25.05
N ASN B 7 30.33 8.95 -25.63
CA ASN B 7 30.30 7.66 -24.93
C ASN B 7 31.28 7.64 -23.76
N GLU B 8 32.38 8.35 -23.91
CA GLU B 8 33.35 8.50 -22.83
C GLU B 8 32.71 9.24 -21.65
N LEU B 9 32.04 10.36 -21.95
CA LEU B 9 31.37 11.13 -20.90
C LEU B 9 30.32 10.26 -20.20
N VAL B 10 29.57 9.45 -20.96
CA VAL B 10 28.56 8.61 -20.36
C VAL B 10 29.23 7.55 -19.49
N GLN B 11 30.32 6.92 -19.98
CA GLN B 11 31.00 5.94 -19.16
CA GLN B 11 31.13 5.96 -19.23
C GLN B 11 31.59 6.62 -17.92
N LYS B 12 32.11 7.85 -18.03
CA LYS B 12 32.59 8.61 -16.87
C LYS B 12 31.44 8.89 -15.90
N ALA B 13 30.26 9.21 -16.42
CA ALA B 13 29.11 9.47 -15.56
C ALA B 13 28.73 8.24 -14.75
N LYS B 14 28.76 7.05 -15.39
CA LYS B 14 28.37 5.84 -14.68
C LYS B 14 29.39 5.45 -13.62
N LEU B 15 30.68 5.65 -13.92
CA LEU B 15 31.77 5.56 -12.92
C LEU B 15 31.49 6.46 -11.71
N ALA B 16 31.28 7.74 -11.99
CA ALA B 16 30.91 8.69 -10.94
C ALA B 16 29.73 8.20 -10.12
N GLU B 17 28.71 7.67 -10.79
CA GLU B 17 27.51 7.22 -10.10
C GLU B 17 27.86 6.09 -9.12
N GLN B 18 28.72 5.15 -9.54
CA GLN B 18 29.22 4.08 -8.69
C GLN B 18 29.96 4.62 -7.48
N ALA B 19 30.83 5.61 -7.71
CA ALA B 19 31.55 6.30 -6.65
C ALA B 19 30.70 7.21 -5.76
N GLU B 20 29.43 7.45 -6.14
CA GLU B 20 28.53 8.37 -5.44
C GLU B 20 29.10 9.78 -5.44
N ARG B 21 29.74 10.15 -6.56
CA ARG B 21 30.26 11.50 -6.76
C ARG B 21 29.35 12.22 -7.75
N TYR B 22 28.24 12.76 -7.23
CA TYR B 22 27.14 13.19 -8.08
C TYR B 22 27.48 14.52 -8.76
N ASP B 23 28.38 15.34 -8.20
CA ASP B 23 28.86 16.51 -8.94
C ASP B 23 29.51 16.13 -10.25
N ASP B 24 30.37 15.13 -10.22
CA ASP B 24 31.06 14.63 -11.40
C ASP B 24 30.05 14.05 -12.38
N MET B 25 29.11 13.27 -11.84
CA MET B 25 28.10 12.64 -12.66
C MET B 25 27.27 13.70 -13.39
N ALA B 26 26.85 14.73 -12.65
CA ALA B 26 26.10 15.83 -13.24
C ALA B 26 26.93 16.58 -14.29
N ALA B 27 28.21 16.87 -14.00
CA ALA B 27 29.02 17.65 -14.94
C ALA B 27 29.18 16.89 -16.27
N CYS B 28 29.35 15.57 -16.19
CA CYS B 28 29.44 14.72 -17.37
C CYS B 28 28.14 14.74 -18.18
N MET B 29 26.99 14.60 -17.50
CA MET B 29 25.75 14.49 -18.21
C MET B 29 25.32 15.86 -18.74
N LYS B 30 25.68 16.92 -18.02
CA LYS B 30 25.47 18.27 -18.56
C LYS B 30 26.24 18.47 -19.86
N SER B 31 27.52 18.06 -19.88
CA SER B 31 28.29 18.14 -21.13
C SER B 31 27.65 17.32 -22.24
N VAL B 32 27.19 16.10 -21.93
CA VAL B 32 26.54 15.28 -22.95
C VAL B 32 25.33 16.03 -23.53
N THR B 33 24.51 16.61 -22.63
CA THR B 33 23.30 17.29 -23.04
C THR B 33 23.65 18.46 -23.97
N GLU B 34 24.74 19.18 -23.64
CA GLU B 34 25.15 20.36 -24.40
C GLU B 34 25.67 20.07 -25.81
N GLN B 35 26.03 18.82 -26.12
CA GLN B 35 26.40 18.45 -27.48
C GLN B 35 25.18 18.49 -28.41
N GLY B 36 23.96 18.55 -27.88
CA GLY B 36 22.80 18.90 -28.68
C GLY B 36 22.09 17.69 -29.30
N ALA B 37 22.55 16.46 -29.11
CA ALA B 37 21.82 15.30 -29.62
C ALA B 37 20.78 14.85 -28.57
N GLU B 38 19.66 14.33 -29.05
CA GLU B 38 18.59 13.80 -28.22
C GLU B 38 19.16 12.71 -27.33
N LEU B 39 18.86 12.79 -26.02
CA LEU B 39 19.40 11.83 -25.07
C LEU B 39 18.60 10.53 -25.20
N SER B 40 19.29 9.39 -25.08
CA SER B 40 18.66 8.10 -24.89
C SER B 40 18.00 8.04 -23.52
N ASN B 41 17.16 7.01 -23.35
CA ASN B 41 16.54 6.72 -22.07
C ASN B 41 17.58 6.60 -20.95
N GLU B 42 18.65 5.82 -21.20
CA GLU B 42 19.70 5.67 -20.22
C GLU B 42 20.36 7.02 -19.87
N GLU B 43 20.70 7.82 -20.88
CA GLU B 43 21.37 9.10 -20.64
C GLU B 43 20.46 10.06 -19.86
N ARG B 44 19.17 10.10 -20.19
CA ARG B 44 18.25 11.02 -19.53
CA ARG B 44 18.29 11.05 -19.53
C ARG B 44 18.10 10.61 -18.07
N ASN B 45 18.09 9.29 -17.80
CA ASN B 45 18.08 8.77 -16.43
C ASN B 45 19.33 9.15 -15.64
N LEU B 46 20.53 9.03 -16.25
CA LEU B 46 21.76 9.43 -15.63
C LEU B 46 21.72 10.90 -15.28
N LEU B 47 21.29 11.75 -16.22
CA LEU B 47 21.15 13.18 -15.93
C LEU B 47 20.24 13.42 -14.72
N SER B 48 19.06 12.79 -14.76
CA SER B 48 18.06 12.97 -13.74
C SER B 48 18.55 12.52 -12.35
N VAL B 49 19.16 11.34 -12.27
CA VAL B 49 19.71 10.84 -11.00
C VAL B 49 20.81 11.79 -10.47
N ALA B 50 21.69 12.24 -11.36
CA ALA B 50 22.78 13.11 -10.94
C ALA B 50 22.25 14.37 -10.29
N TYR B 51 21.34 15.07 -10.99
CA TYR B 51 20.84 16.35 -10.47
C TYR B 51 19.89 16.17 -9.30
N LYS B 52 19.11 15.09 -9.26
CA LYS B 52 18.29 14.77 -8.09
C LYS B 52 19.18 14.73 -6.82
N ASN B 53 20.37 14.11 -6.92
CA ASN B 53 21.29 14.02 -5.80
C ASN B 53 21.94 15.37 -5.50
N VAL B 54 22.35 16.11 -6.53
CA VAL B 54 22.99 17.41 -6.33
C VAL B 54 22.03 18.40 -5.67
N VAL B 55 20.83 18.53 -6.23
CA VAL B 55 19.80 19.40 -5.66
C VAL B 55 19.29 18.85 -4.31
N GLY B 56 19.19 17.51 -4.19
CA GLY B 56 18.65 16.90 -2.97
C GLY B 56 19.46 17.23 -1.71
N ALA B 57 20.77 17.30 -1.87
CA ALA B 57 21.65 17.60 -0.74
C ALA B 57 21.33 18.99 -0.20
N ARG B 58 21.04 19.94 -1.09
CA ARG B 58 20.72 21.29 -0.66
C ARG B 58 19.30 21.36 -0.08
N ARG B 59 18.34 20.66 -0.68
CA ARG B 59 17.00 20.65 -0.16
C ARG B 59 16.98 20.17 1.29
N SER B 60 17.64 19.03 1.56
CA SER B 60 17.76 18.47 2.90
C SER B 60 18.39 19.46 3.85
N ALA B 61 19.53 20.00 3.43
CA ALA B 61 20.23 20.98 4.26
C ALA B 61 19.36 22.21 4.54
N TRP B 62 18.67 22.70 3.50
CA TRP B 62 17.77 23.84 3.61
C TRP B 62 16.69 23.60 4.65
N ARG B 63 16.04 22.43 4.68
CA ARG B 63 14.98 22.16 5.64
C ARG B 63 15.52 22.08 7.06
N VAL B 64 16.69 21.46 7.25
CA VAL B 64 17.32 21.36 8.56
C VAL B 64 17.63 22.76 9.11
N VAL B 65 18.28 23.60 8.30
CA VAL B 65 18.78 24.89 8.75
C VAL B 65 17.61 25.88 8.88
N SER B 66 16.62 25.80 7.99
CA SER B 66 15.40 26.61 8.09
C SER B 66 14.68 26.31 9.41
N SER B 67 14.57 25.04 9.79
CA SER B 67 13.95 24.63 11.05
C SER B 67 14.73 25.13 12.29
N ILE B 68 16.06 25.05 12.29
CA ILE B 68 16.88 25.65 13.33
C ILE B 68 16.64 27.15 13.43
N GLU B 69 16.49 27.85 12.29
CA GLU B 69 16.27 29.28 12.28
C GLU B 69 14.98 29.65 13.04
N GLN B 70 13.90 28.89 12.79
CA GLN B 70 12.60 29.09 13.40
C GLN B 70 12.59 28.69 14.87
N LYS B 71 13.03 27.47 15.21
CA LYS B 71 13.13 27.01 16.60
C LYS B 71 14.21 27.76 17.41
N THR B 72 14.74 28.90 16.91
CA THR B 72 15.47 29.94 17.66
C THR B 72 14.59 31.19 17.90
N GLU B 73 13.90 31.23 19.05
CA GLU B 73 13.53 32.49 19.69
C GLU B 73 14.63 32.81 20.70
N GLY B 74 15.01 34.10 20.76
CA GLY B 74 15.77 34.67 21.88
C GLY B 74 17.27 34.85 21.62
N ALA B 75 17.80 34.29 20.52
CA ALA B 75 19.20 34.42 20.15
C ALA B 75 19.31 35.08 18.78
N ALA B 76 19.32 36.42 18.77
CA ALA B 76 19.46 37.23 17.56
C ALA B 76 20.71 36.86 16.77
N ALA B 77 21.83 36.58 17.47
CA ALA B 77 23.10 36.23 16.84
C ALA B 77 23.01 34.82 16.21
N ALA B 78 22.57 33.82 16.99
CA ALA B 78 22.33 32.46 16.53
C ALA B 78 21.35 32.45 15.33
N GLN B 79 20.31 33.28 15.42
CA GLN B 79 19.27 33.30 14.39
C GLN B 79 19.79 33.89 13.08
N GLN B 80 20.54 35.01 13.14
CA GLN B 80 21.14 35.59 11.93
CA GLN B 80 21.21 35.61 11.98
C GLN B 80 22.12 34.61 11.29
N MET B 81 22.84 33.82 12.09
CA MET B 81 23.79 32.87 11.53
C MET B 81 23.04 31.76 10.78
N ALA B 82 22.00 31.17 11.39
CA ALA B 82 21.12 30.23 10.73
C ALA B 82 20.53 30.82 9.45
N ARG B 83 19.99 32.05 9.56
CA ARG B 83 19.42 32.76 8.41
C ARG B 83 20.45 32.86 7.29
N GLU B 84 21.65 33.40 7.57
CA GLU B 84 22.64 33.61 6.51
C GLU B 84 23.14 32.29 5.88
N TYR B 85 23.14 31.20 6.65
CA TYR B 85 23.52 29.88 6.14
C TYR B 85 22.40 29.33 5.26
N ARG B 86 21.15 29.50 5.70
CA ARG B 86 20.00 29.17 4.87
C ARG B 86 20.12 29.86 3.50
N GLU B 87 20.39 31.16 3.50
CA GLU B 87 20.48 31.97 2.29
C GLU B 87 21.61 31.48 1.38
N LYS B 88 22.73 31.05 1.98
CA LYS B 88 23.83 30.51 1.20
C LYS B 88 23.41 29.22 0.51
N ILE B 89 22.70 28.35 1.25
CA ILE B 89 22.22 27.09 0.71
C ILE B 89 21.18 27.36 -0.37
N GLU B 90 20.31 28.36 -0.13
CA GLU B 90 19.32 28.75 -1.12
C GLU B 90 19.96 29.21 -2.43
N THR B 91 21.02 30.01 -2.35
CA THR B 91 21.71 30.43 -3.56
C THR B 91 22.19 29.22 -4.37
N GLU B 92 22.83 28.24 -3.71
CA GLU B 92 23.29 27.03 -4.37
C GLU B 92 22.12 26.31 -5.06
N LEU B 93 21.03 26.18 -4.31
CA LEU B 93 19.84 25.50 -4.76
C LEU B 93 19.28 26.18 -6.02
N ARG B 94 19.17 27.52 -5.99
CA ARG B 94 18.68 28.26 -7.14
C ARG B 94 19.58 28.07 -8.34
N ASP B 95 20.91 28.13 -8.14
CA ASP B 95 21.86 27.96 -9.22
C ASP B 95 21.72 26.57 -9.84
N ILE B 96 21.52 25.52 -9.02
CA ILE B 96 21.38 24.18 -9.57
C ILE B 96 20.08 24.07 -10.37
N CYS B 97 18.97 24.57 -9.80
CA CYS B 97 17.72 24.55 -10.50
C CYS B 97 17.83 25.29 -11.83
N ASN B 98 18.47 26.46 -11.82
CA ASN B 98 18.58 27.24 -13.06
C ASN B 98 19.42 26.51 -14.08
N ASP B 99 20.46 25.77 -13.67
CA ASP B 99 21.24 24.93 -14.59
C ASP B 99 20.35 23.91 -15.28
N VAL B 100 19.53 23.19 -14.49
CA VAL B 100 18.70 22.11 -15.04
C VAL B 100 17.60 22.72 -15.93
N LEU B 101 16.97 23.77 -15.44
CA LEU B 101 15.89 24.40 -16.19
C LEU B 101 16.39 24.98 -17.53
N SER B 102 17.65 25.40 -17.57
CA SER B 102 18.20 25.93 -18.80
C SER B 102 18.52 24.77 -19.77
N LEU B 103 19.04 23.64 -19.26
CA LEU B 103 19.22 22.46 -20.10
C LEU B 103 17.91 21.99 -20.68
N LEU B 104 16.86 22.03 -19.86
CA LEU B 104 15.52 21.63 -20.31
C LEU B 104 15.02 22.53 -21.45
N GLU B 105 15.24 23.83 -21.28
CA GLU B 105 14.70 24.79 -22.23
C GLU B 105 15.48 24.77 -23.54
N LYS B 106 16.82 24.70 -23.46
CA LYS B 106 17.65 24.87 -24.64
C LYS B 106 17.82 23.55 -25.41
N PHE B 107 17.83 22.37 -24.76
CA PHE B 107 18.19 21.12 -25.41
C PHE B 107 17.10 20.07 -25.28
N LEU B 108 16.68 19.74 -24.04
CA LEU B 108 15.95 18.51 -23.80
C LEU B 108 14.51 18.62 -24.32
N ILE B 109 13.76 19.67 -23.92
CA ILE B 109 12.36 19.74 -24.35
C ILE B 109 12.27 19.92 -25.87
N PRO B 110 12.98 20.89 -26.50
CA PRO B 110 12.89 21.04 -27.95
C PRO B 110 13.26 19.81 -28.78
N ASN B 111 14.24 18.99 -28.36
CA ASN B 111 14.68 17.82 -29.11
C ASN B 111 13.88 16.54 -28.84
N ALA B 112 12.92 16.56 -27.91
CA ALA B 112 12.27 15.33 -27.50
C ALA B 112 11.34 14.89 -28.62
N SER B 113 11.61 13.74 -29.25
CA SER B 113 10.90 13.33 -30.45
C SER B 113 9.74 12.39 -30.14
N GLN B 114 9.55 11.98 -28.88
CA GLN B 114 8.50 11.05 -28.49
C GLN B 114 7.71 11.63 -27.32
N ALA B 115 6.44 11.23 -27.20
CA ALA B 115 5.57 11.75 -26.14
C ALA B 115 6.12 11.37 -24.77
N GLU B 116 6.66 10.16 -24.65
CA GLU B 116 7.26 9.68 -23.42
C GLU B 116 8.35 10.63 -22.92
N SER B 117 9.27 11.01 -23.82
CA SER B 117 10.39 11.83 -23.40
C SER B 117 9.95 13.28 -23.19
N LYS B 118 8.95 13.76 -23.96
CA LYS B 118 8.42 15.11 -23.73
C LYS B 118 7.77 15.20 -22.33
N VAL B 119 7.01 14.19 -21.93
CA VAL B 119 6.42 14.14 -20.59
C VAL B 119 7.48 14.09 -19.51
N PHE B 120 8.52 13.26 -19.73
CA PHE B 120 9.62 13.15 -18.78
C PHE B 120 10.22 14.53 -18.49
N TYR B 121 10.53 15.27 -19.57
CA TYR B 121 11.20 16.54 -19.42
C TYR B 121 10.25 17.61 -18.88
N LEU B 122 8.99 17.62 -19.32
CA LEU B 122 8.05 18.59 -18.77
C LEU B 122 7.81 18.33 -17.28
N LYS B 123 7.75 17.06 -16.89
CA LYS B 123 7.67 16.70 -15.47
C LYS B 123 8.87 17.26 -14.72
N MET B 124 10.04 17.07 -15.33
CA MET B 124 11.27 17.51 -14.71
C MET B 124 11.31 19.03 -14.57
N LYS B 125 10.80 19.75 -15.57
CA LYS B 125 10.70 21.21 -15.50
C LYS B 125 9.76 21.58 -14.34
N GLY B 126 8.62 20.89 -14.25
CA GLY B 126 7.72 21.03 -13.12
C GLY B 126 8.44 20.83 -11.78
N ASP B 127 9.29 19.79 -11.69
CA ASP B 127 10.00 19.46 -10.45
C ASP B 127 10.94 20.59 -10.05
N TYR B 128 11.73 21.09 -11.01
CA TYR B 128 12.77 22.05 -10.64
C TYR B 128 12.18 23.43 -10.38
N TYR B 129 11.08 23.80 -11.04
CA TYR B 129 10.35 24.99 -10.59
C TYR B 129 9.71 24.75 -9.22
N ARG B 130 9.21 23.55 -8.94
CA ARG B 130 8.70 23.23 -7.59
C ARG B 130 9.78 23.38 -6.52
N TYR B 131 11.00 22.97 -6.80
CA TYR B 131 12.11 23.17 -5.85
C TYR B 131 12.48 24.65 -5.65
N LEU B 132 12.46 25.47 -6.69
CA LEU B 132 12.57 26.91 -6.54
C LEU B 132 11.38 27.43 -5.72
N ALA B 133 10.19 26.87 -5.93
CA ALA B 133 9.01 27.32 -5.20
C ALA B 133 9.13 27.04 -3.71
N GLU B 134 9.76 25.93 -3.34
CA GLU B 134 9.94 25.60 -1.93
C GLU B 134 10.72 26.68 -1.19
N VAL B 135 11.61 27.45 -1.83
CA VAL B 135 12.43 28.43 -1.14
C VAL B 135 12.15 29.87 -1.59
N ALA B 136 11.17 30.12 -2.47
CA ALA B 136 10.87 31.45 -2.98
C ALA B 136 10.02 32.22 -1.96
N ALA B 137 10.15 33.54 -1.89
CA ALA B 137 9.23 34.42 -1.14
C ALA B 137 8.53 35.38 -2.09
N GLY B 138 7.33 35.84 -1.71
CA GLY B 138 6.74 37.07 -2.23
C GLY B 138 6.29 36.99 -3.69
N ASP B 139 6.78 37.95 -4.49
CA ASP B 139 6.22 38.21 -5.81
C ASP B 139 6.81 37.21 -6.82
N ASP B 140 8.13 36.99 -6.68
CA ASP B 140 8.87 35.91 -7.33
C ASP B 140 8.08 34.59 -7.33
N LYS B 141 7.58 34.22 -6.13
CA LYS B 141 7.03 32.91 -5.88
C LYS B 141 5.85 32.60 -6.82
N LYS B 142 4.90 33.51 -6.94
CA LYS B 142 3.71 33.27 -7.74
C LYS B 142 4.06 32.98 -9.21
N GLY B 143 5.03 33.70 -9.80
CA GLY B 143 5.58 33.40 -11.13
C GLY B 143 6.23 32.00 -11.24
N ILE B 144 7.03 31.64 -10.23
CA ILE B 144 7.66 30.34 -10.10
C ILE B 144 6.61 29.23 -9.99
N VAL B 145 5.60 29.44 -9.16
CA VAL B 145 4.55 28.44 -8.98
C VAL B 145 3.81 28.19 -10.28
N ASP B 146 3.55 29.26 -11.00
CA ASP B 146 2.81 29.17 -12.24
C ASP B 146 3.66 28.44 -13.29
N GLN B 147 4.98 28.65 -13.33
CA GLN B 147 5.81 27.89 -14.28
C GLN B 147 5.75 26.39 -13.95
N SER B 148 5.88 26.03 -12.68
CA SER B 148 5.79 24.63 -12.27
C SER B 148 4.46 24.03 -12.75
N GLN B 149 3.36 24.72 -12.47
CA GLN B 149 2.04 24.17 -12.72
C GLN B 149 1.82 23.99 -14.21
N GLN B 150 2.27 24.97 -15.02
CA GLN B 150 2.06 24.87 -16.47
C GLN B 150 2.86 23.72 -17.06
N ALA B 151 4.08 23.52 -16.54
CA ALA B 151 4.90 22.38 -16.97
C ALA B 151 4.24 21.04 -16.63
N TYR B 152 3.88 20.88 -15.34
CA TYR B 152 3.18 19.66 -14.94
C TYR B 152 1.89 19.48 -15.75
N GLN B 153 1.17 20.58 -16.03
CA GLN B 153 -0.15 20.44 -16.64
C GLN B 153 0.01 19.95 -18.09
N GLU B 154 0.99 20.52 -18.80
CA GLU B 154 1.23 20.07 -20.17
C GLU B 154 1.66 18.60 -20.17
N ALA B 155 2.59 18.23 -19.28
CA ALA B 155 2.96 16.84 -19.10
C ALA B 155 1.74 15.94 -18.87
N PHE B 156 0.80 16.41 -18.03
CA PHE B 156 -0.34 15.61 -17.63
C PHE B 156 -1.21 15.35 -18.87
N GLU B 157 -1.39 16.38 -19.71
CA GLU B 157 -2.25 16.28 -20.87
C GLU B 157 -1.66 15.39 -21.97
N ILE B 158 -0.37 15.54 -22.25
CA ILE B 158 0.29 14.67 -23.22
C ILE B 158 0.24 13.21 -22.73
N SER B 159 0.57 13.01 -21.45
CA SER B 159 0.57 11.71 -20.81
C SER B 159 -0.81 11.07 -20.93
N ALA B 160 -1.87 11.80 -20.60
CA ALA B 160 -3.22 11.23 -20.58
C ALA B 160 -3.68 10.80 -21.97
N ALA B 161 -3.22 11.50 -23.01
CA ALA B 161 -3.52 11.15 -24.40
C ALA B 161 -2.63 10.01 -24.92
N ALA B 162 -1.37 9.89 -24.51
CA ALA B 162 -0.43 9.00 -25.21
C ALA B 162 -0.06 7.75 -24.42
N MET B 163 -0.26 7.71 -23.11
CA MET B 163 0.40 6.70 -22.26
C MET B 163 -0.66 5.95 -21.46
N GLN B 164 -0.42 4.66 -21.23
CA GLN B 164 -1.37 3.87 -20.48
C GLN B 164 -1.30 4.25 -18.99
N PRO B 165 -2.38 4.08 -18.21
CA PRO B 165 -2.35 4.45 -16.80
C PRO B 165 -1.27 3.76 -15.96
N THR B 166 -0.80 2.58 -16.38
CA THR B 166 0.28 1.89 -15.67
C THR B 166 1.69 2.28 -16.09
N HIS B 167 1.83 3.15 -17.09
CA HIS B 167 3.13 3.63 -17.51
C HIS B 167 3.82 4.31 -16.33
N PRO B 168 5.07 3.94 -15.97
CA PRO B 168 5.72 4.55 -14.84
C PRO B 168 5.92 6.06 -14.90
N ILE B 169 6.16 6.57 -16.09
CA ILE B 169 6.28 8.01 -16.26
C ILE B 169 4.93 8.70 -16.01
N ARG B 170 3.81 8.14 -16.48
CA ARG B 170 2.52 8.74 -16.19
C ARG B 170 2.22 8.69 -14.69
N LEU B 171 2.54 7.56 -14.03
CA LEU B 171 2.33 7.42 -12.62
C LEU B 171 3.22 8.36 -11.82
N GLY B 172 4.51 8.45 -12.19
CA GLY B 172 5.45 9.32 -11.49
C GLY B 172 5.09 10.78 -11.61
N LEU B 173 4.60 11.17 -12.77
CA LEU B 173 4.01 12.50 -12.95
C LEU B 173 2.83 12.75 -12.03
N ALA B 174 1.92 11.78 -11.93
CA ALA B 174 0.79 11.92 -11.01
C ALA B 174 1.30 12.08 -9.58
N LEU B 175 2.29 11.29 -9.16
CA LEU B 175 2.83 11.42 -7.80
C LEU B 175 3.35 12.82 -7.54
N ASN B 176 4.19 13.37 -8.43
CA ASN B 176 4.83 14.65 -8.16
C ASN B 176 3.87 15.80 -8.34
N PHE B 177 2.99 15.76 -9.34
CA PHE B 177 1.97 16.79 -9.53
C PHE B 177 1.03 16.84 -8.32
N SER B 178 0.68 15.68 -7.74
CA SER B 178 -0.13 15.62 -6.51
C SER B 178 0.58 16.27 -5.34
N VAL B 179 1.87 15.99 -5.19
CA VAL B 179 2.65 16.65 -4.16
C VAL B 179 2.64 18.16 -4.38
N PHE B 180 2.76 18.59 -5.64
CA PHE B 180 2.70 20.01 -5.94
C PHE B 180 1.38 20.62 -5.46
N TYR B 181 0.25 20.01 -5.81
CA TYR B 181 -1.06 20.49 -5.33
C TYR B 181 -1.10 20.53 -3.81
N TYR B 182 -0.61 19.46 -3.14
CA TYR B 182 -0.70 19.39 -1.68
C TYR B 182 0.10 20.52 -1.05
N GLU B 183 1.37 20.66 -1.43
CA GLU B 183 2.27 21.45 -0.61
C GLU B 183 2.65 22.74 -1.28
N ILE B 184 2.50 22.90 -2.60
CA ILE B 184 2.77 24.21 -3.16
C ILE B 184 1.46 24.99 -3.28
N LEU B 185 0.40 24.43 -3.86
CA LEU B 185 -0.88 25.14 -3.96
C LEU B 185 -1.76 24.97 -2.70
N ASN B 186 -1.31 24.23 -1.68
CA ASN B 186 -2.03 24.07 -0.43
C ASN B 186 -3.46 23.57 -0.73
N SER B 187 -3.64 22.56 -1.62
CA SER B 187 -4.94 22.00 -1.90
C SER B 187 -4.96 20.52 -1.57
N PRO B 188 -5.21 20.12 -0.30
CA PRO B 188 -5.31 18.69 0.05
C PRO B 188 -6.27 17.91 -0.84
N GLU B 189 -7.44 18.49 -1.17
CA GLU B 189 -8.44 17.69 -1.85
C GLU B 189 -8.07 17.46 -3.32
N LYS B 190 -7.45 18.44 -3.97
CA LYS B 190 -7.00 18.24 -5.33
C LYS B 190 -5.80 17.30 -5.41
N ALA B 191 -4.94 17.32 -4.41
CA ALA B 191 -3.80 16.42 -4.37
C ALA B 191 -4.31 14.99 -4.22
N CYS B 192 -5.33 14.82 -3.36
CA CYS B 192 -5.86 13.49 -3.12
C CYS B 192 -6.61 12.96 -4.33
N SER B 193 -7.39 13.81 -5.04
CA SER B 193 -8.14 13.39 -6.21
CA SER B 193 -8.14 13.37 -6.22
CA SER B 193 -8.14 13.38 -6.22
C SER B 193 -7.19 12.93 -7.32
N LEU B 194 -6.13 13.72 -7.55
CA LEU B 194 -5.14 13.39 -8.57
C LEU B 194 -4.47 12.04 -8.26
N ALA B 195 -4.03 11.87 -7.02
CA ALA B 195 -3.31 10.65 -6.64
C ALA B 195 -4.24 9.44 -6.65
N LYS B 196 -5.47 9.59 -6.12
CA LYS B 196 -6.46 8.51 -6.11
C LYS B 196 -6.84 8.08 -7.52
N THR B 197 -7.10 9.04 -8.41
CA THR B 197 -7.48 8.71 -9.77
C THR B 197 -6.35 7.94 -10.43
N ALA B 198 -5.10 8.40 -10.28
CA ALA B 198 -3.98 7.72 -10.92
C ALA B 198 -3.83 6.30 -10.36
N PHE B 199 -3.96 6.13 -9.04
CA PHE B 199 -3.90 4.79 -8.43
C PHE B 199 -5.00 3.90 -9.03
N ASP B 200 -6.25 4.37 -8.97
CA ASP B 200 -7.41 3.57 -9.39
C ASP B 200 -7.35 3.22 -10.86
N GLU B 201 -6.92 4.14 -11.72
CA GLU B 201 -6.88 3.82 -13.13
C GLU B 201 -5.85 2.74 -13.39
N ALA B 202 -4.72 2.80 -12.67
CA ALA B 202 -3.66 1.83 -12.88
C ALA B 202 -4.11 0.45 -12.36
N ILE B 203 -4.73 0.40 -11.17
CA ILE B 203 -5.23 -0.85 -10.57
C ILE B 203 -6.14 -1.56 -11.55
N ALA B 204 -7.01 -0.80 -12.23
CA ALA B 204 -7.97 -1.34 -13.17
C ALA B 204 -7.34 -2.00 -14.39
N GLU B 205 -6.03 -1.88 -14.64
CA GLU B 205 -5.43 -2.41 -15.85
C GLU B 205 -4.04 -3.00 -15.62
N LEU B 206 -3.85 -3.81 -14.56
CA LEU B 206 -2.53 -4.36 -14.32
C LEU B 206 -2.04 -5.41 -15.36
N ASP B 207 -2.93 -5.98 -16.20
CA ASP B 207 -2.53 -6.77 -17.36
C ASP B 207 -1.67 -5.96 -18.36
N THR B 208 -1.91 -4.62 -18.48
CA THR B 208 -1.10 -3.72 -19.31
C THR B 208 0.37 -3.60 -18.86
N LEU B 209 0.74 -4.05 -17.64
CA LEU B 209 2.14 -4.12 -17.24
C LEU B 209 2.90 -5.10 -18.14
N SER B 210 4.15 -4.74 -18.46
CA SER B 210 5.16 -5.64 -19.01
C SER B 210 6.22 -5.93 -17.94
N GLU B 211 7.04 -6.95 -18.19
CA GLU B 211 8.20 -7.32 -17.38
C GLU B 211 9.16 -6.14 -17.19
N GLU B 212 9.34 -5.33 -18.25
CA GLU B 212 10.24 -4.19 -18.27
C GLU B 212 9.92 -3.18 -17.18
N SER B 213 8.64 -2.87 -16.91
CA SER B 213 8.28 -1.72 -16.08
C SER B 213 7.38 -2.04 -14.86
N TYR B 214 6.97 -3.32 -14.63
CA TYR B 214 5.99 -3.64 -13.58
C TYR B 214 6.48 -3.27 -12.18
N LYS B 215 7.80 -3.36 -11.93
CA LYS B 215 8.37 -3.10 -10.61
C LYS B 215 8.29 -1.61 -10.34
N ASP B 216 8.65 -0.79 -11.34
CA ASP B 216 8.58 0.65 -11.15
C ASP B 216 7.12 1.06 -10.97
N SER B 217 6.20 0.55 -11.80
CA SER B 217 4.81 1.00 -11.79
C SER B 217 4.16 0.68 -10.45
N THR B 218 4.32 -0.56 -9.97
CA THR B 218 3.67 -0.94 -8.72
C THR B 218 4.30 -0.23 -7.55
N LEU B 219 5.60 0.06 -7.62
CA LEU B 219 6.25 0.84 -6.56
C LEU B 219 5.68 2.27 -6.50
N ILE B 220 5.45 2.89 -7.67
CA ILE B 220 4.93 4.26 -7.66
C ILE B 220 3.47 4.26 -7.15
N MET B 221 2.69 3.24 -7.54
CA MET B 221 1.34 3.02 -7.05
C MET B 221 1.35 2.98 -5.53
N GLN B 222 2.31 2.25 -4.92
CA GLN B 222 2.36 2.17 -3.47
C GLN B 222 2.61 3.55 -2.87
N LEU B 223 3.47 4.35 -3.53
CA LEU B 223 3.79 5.69 -3.06
C LEU B 223 2.57 6.59 -3.16
N LEU B 224 1.81 6.49 -4.26
CA LEU B 224 0.58 7.26 -4.37
C LEU B 224 -0.36 6.96 -3.20
N ARG B 225 -0.57 5.66 -2.90
CA ARG B 225 -1.50 5.27 -1.84
C ARG B 225 -0.98 5.69 -0.48
N ASP B 226 0.34 5.63 -0.28
CA ASP B 226 0.91 6.09 0.96
C ASP B 226 0.63 7.57 1.21
N ASN B 227 0.81 8.40 0.17
CA ASN B 227 0.53 9.81 0.30
C ASN B 227 -0.95 10.01 0.65
N LEU B 228 -1.82 9.27 -0.05
CA LEU B 228 -3.26 9.34 0.20
C LEU B 228 -3.58 9.04 1.65
N THR B 229 -2.93 8.02 2.21
CA THR B 229 -3.15 7.64 3.60
C THR B 229 -2.69 8.78 4.51
N LEU B 230 -1.47 9.27 4.28
CA LEU B 230 -0.91 10.38 5.06
C LEU B 230 -1.85 11.59 5.03
N TRP B 231 -2.32 11.97 3.84
CA TRP B 231 -3.11 13.18 3.67
C TRP B 231 -4.55 13.01 4.11
N THR B 232 -5.10 11.79 4.13
CA THR B 232 -6.47 11.61 4.58
C THR B 232 -6.49 11.16 6.03
N GLY B 233 -5.39 11.35 6.77
CA GLY B 233 -5.29 10.92 8.16
C GLY B 233 -5.62 9.45 8.38
N GLY B 234 -5.53 8.58 7.34
CA GLY B 234 -5.90 7.17 7.45
C GLY B 234 -4.85 6.41 8.26
N GLY B 235 -4.96 5.08 8.29
CA GLY B 235 -4.00 4.24 8.99
C GLY B 235 -4.37 4.12 10.47
N GLY B 236 -3.71 3.19 11.17
CA GLY B 236 -4.00 2.92 12.56
C GLY B 236 -5.39 2.32 12.83
N GLN B 237 -6.16 1.92 11.81
CA GLN B 237 -7.35 1.10 12.05
C GLN B 237 -6.91 -0.27 12.62
N ARG B 238 -7.83 -0.96 13.32
CA ARG B 238 -7.71 -2.38 13.69
C ARG B 238 -7.17 -3.19 12.49
N ARG B 239 -6.26 -4.16 12.73
CA ARG B 239 -5.73 -5.01 11.67
C ARG B 239 -6.85 -5.72 10.91
N CYS B 240 -6.64 -5.94 9.61
CA CYS B 240 -7.62 -6.61 8.77
C CYS B 240 -7.36 -8.13 8.70
N SEP B 241 -8.38 -8.92 9.00
CA SEP B 241 -8.44 -10.30 8.52
CB SEP B 241 -8.83 -11.28 9.59
OG SEP B 241 -10.12 -10.93 10.08
C SEP B 241 -9.41 -10.24 7.36
O SEP B 241 -9.95 -9.14 7.12
P SEP B 241 -10.75 -11.80 11.19
O1P SEP B 241 -10.88 -13.22 10.70
O2P SEP B 241 -12.09 -11.20 11.48
O3P SEP B 241 -9.90 -11.73 12.45
N LEU B 242 -9.61 -11.34 6.64
CA LEU B 242 -10.32 -11.22 5.37
C LEU B 242 -11.77 -10.88 5.70
N ALA B 243 -12.34 -9.80 5.16
CA ALA B 243 -13.74 -9.50 5.43
C ALA B 243 -14.55 -9.67 4.15
C1 EDO C . -29.18 -11.81 13.15
O1 EDO C . -28.77 -11.38 11.90
C2 EDO C . -29.81 -13.12 13.31
O2 EDO C . -30.66 -13.77 12.37
N1 AZI D . -26.65 -23.42 -5.53
N2 AZI D . -25.80 -22.82 -5.99
N3 AZI D . -24.93 -22.25 -6.45
N1 AZI E . 5.58 -4.02 0.93
N2 AZI E . 6.44 -4.61 0.46
N3 AZI E . 7.32 -5.15 -0.04
N1 AZI F . -36.26 -18.41 13.66
N2 AZI F . -36.18 -17.67 12.78
N3 AZI F . -36.09 -16.96 11.88
C1 EDO G . 1.50 -16.45 -0.53
O1 EDO G . 2.45 -16.17 -1.61
C2 EDO G . 2.15 -16.75 0.80
O2 EDO G . 3.60 -16.76 0.77
C1 EDO H . 0.10 1.36 3.26
O1 EDO H . -0.59 0.92 4.40
C2 EDO H . -0.79 2.23 2.48
O2 EDO H . -0.80 3.53 2.99
C BEZ I . -0.66 -1.18 -2.68
O1 BEZ I . -0.72 -1.91 -1.65
O2 BEZ I . -0.58 0.04 -2.62
C1 BEZ I . -0.68 -1.83 -4.00
C2 BEZ I . -0.22 -1.16 -5.13
C3 BEZ I . -0.23 -1.79 -6.35
C4 BEZ I . -0.68 -3.10 -6.46
C5 BEZ I . -1.17 -3.76 -5.38
C6 BEZ I . -1.16 -3.15 -4.14
C1 EDO J . -6.48 4.06 -2.62
O1 EDO J . -7.35 3.88 -1.55
C2 EDO J . -7.18 4.64 -3.77
O2 EDO J . -8.16 3.75 -4.27
C1 PEG K . 32.06 14.92 -7.13
O1 PEG K . 33.01 15.99 -7.19
C2 PEG K . 31.41 14.81 -5.77
O2 PEG K . 30.03 15.15 -5.78
C3 PEG K . 29.56 15.42 -4.46
C4 PEG K . 28.25 14.79 -4.26
O4 PEG K . 28.31 13.40 -4.22
#